data_1QYC
#
_entry.id   1QYC
#
_cell.length_a   66.195
_cell.length_b   67.941
_cell.length_c   75.019
_cell.angle_alpha   90.00
_cell.angle_beta   115.08
_cell.angle_gamma   90.00
#
_symmetry.space_group_name_H-M   'P 1 21 1'
#
loop_
_entity.id
_entity.type
_entity.pdbx_description
1 polymer 'phenylcoumaran benzylic ether reductase PT1'
2 water water
#
_entity_poly.entity_id   1
_entity_poly.type   'polypeptide(L)'
_entity_poly.pdbx_seq_one_letter_code
;MGSRSRILLIGATGYIGRHVAKASLDLGHPTFLLVRESTASSNSEKAQLLESFKASGANIVHGSIDDHASLVEAVKNVDV
VISTVGSLQIESQVNIIKAIKEVGTVKRFFPSEFGNDVDNVHAVEPAKSVFEVKAKVRRAIEAEGIPYTYVSSNCFAGYF
LRSLAQAGLTAPPRDKVVILGDGNARVVFVKEEDIGTFTIKAVDDPRTLNKTLYLRLPANTLSLNELVALWEKKIDKTLE
KAYVPEEEVLKLIADTPFPANISIAISHSIFVKGDQTNFEIGPAGVEASQLYPDVKYTTVDEYLSNFV
;
_entity_poly.pdbx_strand_id   A,B
#
# COMPACT_ATOMS: atom_id res chain seq x y z
N GLY A 2 -21.54 -17.00 28.14
CA GLY A 2 -20.75 -16.12 27.29
C GLY A 2 -19.41 -15.76 27.91
N SER A 3 -18.67 -16.86 28.20
CA SER A 3 -17.40 -16.91 28.90
C SER A 3 -17.21 -15.82 29.95
N ARG A 4 -16.05 -15.17 30.17
CA ARG A 4 -15.92 -14.20 31.25
C ARG A 4 -14.93 -13.11 30.97
N SER A 5 -13.83 -13.45 30.28
CA SER A 5 -12.72 -12.53 30.08
C SER A 5 -12.98 -11.22 29.36
N ARG A 6 -12.22 -10.27 29.93
CA ARG A 6 -12.20 -8.90 29.49
C ARG A 6 -11.20 -8.73 28.36
N ILE A 7 -11.77 -8.35 27.20
CA ILE A 7 -11.00 -8.14 25.98
C ILE A 7 -10.85 -6.67 25.56
N LEU A 8 -9.64 -6.22 25.18
CA LEU A 8 -9.38 -4.89 24.62
C LEU A 8 -9.06 -4.95 23.11
N LEU A 9 -9.90 -4.33 22.26
CA LEU A 9 -9.68 -4.20 20.83
C LEU A 9 -9.00 -2.89 20.49
N ILE A 10 -7.79 -2.99 19.92
CA ILE A 10 -7.02 -1.86 19.43
C ILE A 10 -7.06 -1.98 17.91
N GLY A 11 -7.85 -1.04 17.37
CA GLY A 11 -8.16 -0.91 15.96
C GLY A 11 -9.51 -1.54 15.62
N ALA A 12 -10.53 -1.34 16.47
CA ALA A 12 -11.90 -1.86 16.30
C ALA A 12 -12.68 -1.49 15.04
N THR A 13 -12.35 -0.36 14.40
CA THR A 13 -13.05 0.11 13.22
C THR A 13 -12.41 -0.28 11.90
N GLY A 14 -11.27 -0.98 11.93
CA GLY A 14 -10.60 -1.44 10.74
C GLY A 14 -11.38 -2.52 10.02
N TYR A 15 -10.91 -2.91 8.84
CA TYR A 15 -11.58 -3.92 8.02
C TYR A 15 -11.91 -5.24 8.73
N ILE A 16 -10.96 -5.92 9.36
CA ILE A 16 -11.29 -7.14 10.10
C ILE A 16 -11.62 -6.87 11.56
N GLY A 17 -11.06 -5.81 12.18
CA GLY A 17 -11.31 -5.41 13.55
C GLY A 17 -12.79 -5.25 13.91
N ARG A 18 -13.59 -4.62 13.03
CA ARG A 18 -15.02 -4.49 13.20
C ARG A 18 -15.74 -5.84 13.28
N HIS A 19 -15.19 -6.95 12.73
CA HIS A 19 -15.84 -8.25 12.77
C HIS A 19 -15.41 -9.00 13.99
N VAL A 20 -14.16 -8.78 14.42
CA VAL A 20 -13.61 -9.38 15.64
C VAL A 20 -14.30 -8.70 16.80
N ALA A 21 -14.53 -7.38 16.74
CA ALA A 21 -15.28 -6.67 17.79
C ALA A 21 -16.71 -7.17 17.96
N LYS A 22 -17.45 -7.33 16.85
CA LYS A 22 -18.82 -7.82 16.83
C LYS A 22 -18.96 -9.19 17.46
N ALA A 23 -18.13 -10.15 17.04
CA ALA A 23 -18.10 -11.47 17.64
C ALA A 23 -17.63 -11.49 19.09
N SER A 24 -16.84 -10.51 19.56
CA SER A 24 -16.42 -10.41 20.97
C SER A 24 -17.67 -10.19 21.82
N LEU A 25 -18.51 -9.30 21.30
CA LEU A 25 -19.78 -9.01 21.93
C LEU A 25 -20.75 -10.16 21.81
N ASP A 26 -20.77 -10.86 20.67
CA ASP A 26 -21.67 -11.99 20.45
C ASP A 26 -21.39 -13.27 21.22
N LEU A 27 -20.13 -13.65 21.50
CA LEU A 27 -19.85 -14.75 22.44
C LEU A 27 -19.72 -14.22 23.88
N GLY A 28 -20.32 -13.03 24.01
CA GLY A 28 -20.61 -12.30 25.23
C GLY A 28 -19.51 -11.83 26.14
N HIS A 29 -18.37 -11.37 25.64
CA HIS A 29 -17.35 -10.85 26.54
C HIS A 29 -17.60 -9.37 26.82
N PRO A 30 -17.05 -8.86 27.95
CA PRO A 30 -16.79 -7.43 28.15
C PRO A 30 -15.69 -6.94 27.22
N THR A 31 -16.20 -6.19 26.25
CA THR A 31 -15.38 -5.64 25.19
C THR A 31 -15.04 -4.17 25.37
N PHE A 32 -13.74 -3.94 25.33
CA PHE A 32 -13.19 -2.62 25.45
C PHE A 32 -12.64 -2.22 24.10
N LEU A 33 -12.94 -0.99 23.68
CA LEU A 33 -12.44 -0.45 22.43
C LEU A 33 -11.61 0.79 22.73
N LEU A 34 -10.33 0.76 22.32
CA LEU A 34 -9.45 1.87 22.51
C LEU A 34 -9.73 2.87 21.41
N VAL A 35 -10.09 4.13 21.73
CA VAL A 35 -10.32 5.17 20.71
C VAL A 35 -9.70 6.55 20.96
N ARG A 36 -8.97 6.88 19.91
CA ARG A 36 -8.28 8.13 19.74
C ARG A 36 -9.30 9.19 19.41
N GLU A 37 -9.01 10.37 19.93
CA GLU A 37 -9.85 11.52 19.67
C GLU A 37 -9.69 11.85 18.21
N SER A 38 -10.82 11.98 17.50
CA SER A 38 -10.79 12.30 16.05
C SER A 38 -11.91 13.23 15.62
N THR A 39 -11.76 13.98 14.51
CA THR A 39 -12.87 14.81 14.02
C THR A 39 -13.72 13.96 13.09
N ALA A 40 -14.89 13.70 13.66
CA ALA A 40 -15.92 12.84 13.10
C ALA A 40 -16.51 13.12 11.72
N SER A 41 -16.51 14.36 11.20
CA SER A 41 -17.01 14.65 9.84
C SER A 41 -15.93 14.27 8.82
N SER A 42 -14.70 14.50 9.26
CA SER A 42 -13.52 14.13 8.53
C SER A 42 -13.31 12.61 8.56
N ASN A 43 -13.93 11.90 9.53
CA ASN A 43 -13.86 10.44 9.66
C ASN A 43 -15.26 9.90 10.04
N SER A 44 -16.12 10.02 9.04
CA SER A 44 -17.54 9.70 9.10
C SER A 44 -18.00 8.26 9.34
N GLU A 45 -17.71 7.34 8.41
CA GLU A 45 -18.05 5.93 8.50
C GLU A 45 -17.54 5.26 9.77
N LYS A 46 -16.41 5.79 10.26
CA LYS A 46 -15.71 5.41 11.47
C LYS A 46 -16.48 5.78 12.72
N ALA A 47 -16.89 7.05 12.81
CA ALA A 47 -17.67 7.56 13.92
C ALA A 47 -18.99 6.83 14.10
N GLN A 48 -19.52 6.50 12.94
CA GLN A 48 -20.78 5.81 12.79
C GLN A 48 -20.70 4.33 13.17
N LEU A 49 -19.50 3.75 12.96
CA LEU A 49 -19.22 2.38 13.33
C LEU A 49 -19.04 2.21 14.85
N LEU A 50 -18.44 3.21 15.51
CA LEU A 50 -18.28 3.28 16.95
C LEU A 50 -19.59 3.49 17.73
N GLU A 51 -20.45 4.34 17.13
CA GLU A 51 -21.82 4.66 17.51
C GLU A 51 -22.65 3.40 17.73
N SER A 52 -22.45 2.50 16.77
CA SER A 52 -23.10 1.22 16.68
C SER A 52 -22.41 0.13 17.49
N PHE A 53 -21.17 0.38 17.93
CA PHE A 53 -20.53 -0.57 18.82
C PHE A 53 -20.91 -0.28 20.24
N LYS A 54 -20.99 1.01 20.64
CA LYS A 54 -21.45 1.31 21.98
C LYS A 54 -22.96 1.11 22.11
N ALA A 55 -23.69 1.00 20.99
CA ALA A 55 -25.12 0.69 20.95
C ALA A 55 -25.37 -0.82 21.11
N SER A 56 -24.36 -1.58 20.72
CA SER A 56 -24.32 -3.03 20.87
C SER A 56 -23.84 -3.40 22.26
N GLY A 57 -23.14 -2.49 22.96
CA GLY A 57 -22.67 -2.73 24.32
C GLY A 57 -21.17 -2.62 24.56
N ALA A 58 -20.35 -2.17 23.60
CA ALA A 58 -18.91 -2.06 23.82
C ALA A 58 -18.50 -0.85 24.65
N ASN A 59 -17.53 -1.14 25.51
CA ASN A 59 -17.04 -0.21 26.50
C ASN A 59 -15.85 0.57 25.96
N ILE A 60 -16.04 1.85 25.62
CA ILE A 60 -14.99 2.69 25.06
C ILE A 60 -13.98 3.30 26.02
N VAL A 61 -12.72 2.95 25.75
CA VAL A 61 -11.58 3.50 26.44
C VAL A 61 -10.99 4.52 25.46
N HIS A 62 -10.73 5.77 25.86
CA HIS A 62 -10.24 6.80 24.93
C HIS A 62 -8.70 6.83 24.84
N GLY A 63 -8.12 6.21 23.81
CA GLY A 63 -6.67 6.13 23.69
C GLY A 63 -6.06 5.86 22.32
N SER A 64 -4.75 5.95 22.43
CA SER A 64 -3.81 5.88 21.32
C SER A 64 -2.64 4.98 21.73
N ILE A 65 -2.05 4.23 20.78
CA ILE A 65 -0.87 3.43 21.07
C ILE A 65 0.37 4.30 21.20
N ASP A 66 0.21 5.57 20.79
CA ASP A 66 1.23 6.60 20.93
C ASP A 66 1.02 7.36 22.24
N ASP A 67 0.56 6.66 23.27
CA ASP A 67 0.33 7.24 24.58
C ASP A 67 0.44 6.07 25.54
N HIS A 68 1.63 5.81 26.09
CA HIS A 68 1.87 4.68 26.98
C HIS A 68 0.95 4.63 28.21
N ALA A 69 0.63 5.83 28.73
CA ALA A 69 -0.23 6.01 29.88
C ALA A 69 -1.66 5.63 29.59
N SER A 70 -2.16 5.84 28.37
CA SER A 70 -3.49 5.39 28.00
C SER A 70 -3.45 3.90 27.64
N LEU A 71 -2.32 3.45 27.12
CA LEU A 71 -2.12 2.04 26.82
C LEU A 71 -2.00 1.20 28.08
N VAL A 72 -1.09 1.52 29.02
CA VAL A 72 -0.92 0.75 30.23
C VAL A 72 -2.23 0.63 31.01
N GLU A 73 -3.03 1.72 31.08
CA GLU A 73 -4.35 1.81 31.72
C GLU A 73 -5.39 0.90 31.14
N ALA A 74 -5.55 0.98 29.81
CA ALA A 74 -6.43 0.11 29.05
C ALA A 74 -6.03 -1.36 29.13
N VAL A 75 -4.73 -1.62 29.33
CA VAL A 75 -4.19 -2.97 29.42
C VAL A 75 -4.29 -3.57 30.82
N LYS A 76 -4.22 -2.75 31.89
CA LYS A 76 -4.40 -3.16 33.28
C LYS A 76 -5.76 -3.80 33.51
N ASN A 77 -6.69 -3.08 32.87
CA ASN A 77 -8.12 -3.31 32.80
C ASN A 77 -8.53 -4.62 32.12
N VAL A 78 -7.68 -5.27 31.29
CA VAL A 78 -8.10 -6.46 30.53
C VAL A 78 -7.27 -7.74 30.65
N ASP A 79 -7.94 -8.81 30.23
CA ASP A 79 -7.40 -10.15 30.19
C ASP A 79 -6.72 -10.40 28.87
N VAL A 80 -7.40 -10.27 27.71
CA VAL A 80 -6.71 -10.44 26.44
C VAL A 80 -6.87 -9.15 25.65
N VAL A 81 -5.76 -8.83 24.97
CA VAL A 81 -5.59 -7.70 24.06
C VAL A 81 -5.53 -8.24 22.63
N ILE A 82 -6.44 -7.73 21.80
CA ILE A 82 -6.47 -8.10 20.39
C ILE A 82 -6.19 -6.85 19.54
N SER A 83 -5.01 -6.74 18.90
CA SER A 83 -4.74 -5.64 17.99
C SER A 83 -5.14 -5.98 16.56
N THR A 84 -5.86 -5.04 15.95
CA THR A 84 -6.28 -5.20 14.58
C THR A 84 -5.94 -3.91 13.85
N VAL A 85 -4.80 -3.29 14.18
CA VAL A 85 -4.40 -2.08 13.50
C VAL A 85 -3.97 -2.29 12.02
N GLY A 86 -3.90 -1.15 11.35
CA GLY A 86 -3.53 -1.06 9.95
C GLY A 86 -2.03 -1.10 9.75
N SER A 87 -1.69 -1.21 8.47
CA SER A 87 -0.32 -1.41 8.05
C SER A 87 0.64 -0.31 8.41
N LEU A 88 0.06 0.89 8.46
CA LEU A 88 0.72 2.11 8.86
C LEU A 88 1.24 2.02 10.29
N GLN A 89 0.68 1.15 11.14
CA GLN A 89 1.18 1.03 12.50
C GLN A 89 1.37 -0.35 13.08
N ILE A 90 1.67 -1.26 12.17
CA ILE A 90 2.04 -2.61 12.51
C ILE A 90 3.26 -2.53 13.40
N GLU A 91 4.29 -1.77 13.01
CA GLU A 91 5.49 -1.60 13.80
C GLU A 91 5.29 -0.87 15.14
N SER A 92 4.22 -0.08 15.29
CA SER A 92 3.90 0.64 16.51
C SER A 92 3.27 -0.24 17.59
N GLN A 93 2.95 -1.49 17.26
CA GLN A 93 2.48 -2.48 18.21
C GLN A 93 3.54 -2.80 19.28
N VAL A 94 4.74 -2.26 19.10
CA VAL A 94 5.85 -2.40 20.03
C VAL A 94 5.52 -1.69 21.35
N ASN A 95 4.62 -0.70 21.21
CA ASN A 95 4.07 0.08 22.31
C ASN A 95 3.11 -0.74 23.13
N ILE A 96 2.27 -1.52 22.45
CA ILE A 96 1.33 -2.42 23.11
C ILE A 96 2.14 -3.49 23.83
N ILE A 97 3.26 -3.96 23.30
CA ILE A 97 4.12 -4.95 23.96
C ILE A 97 4.77 -4.36 25.21
N LYS A 98 5.28 -3.13 25.16
CA LYS A 98 5.94 -2.52 26.32
C LYS A 98 4.95 -2.36 27.45
N ALA A 99 3.72 -1.94 27.13
CA ALA A 99 2.64 -1.79 28.10
C ALA A 99 2.16 -3.12 28.63
N ILE A 100 2.08 -4.15 27.75
CA ILE A 100 1.71 -5.50 28.14
C ILE A 100 2.76 -6.06 29.07
N LYS A 101 4.02 -5.76 28.80
CA LYS A 101 5.16 -6.13 29.64
C LYS A 101 5.12 -5.44 30.99
N GLU A 102 4.86 -4.13 31.00
CA GLU A 102 4.80 -3.33 32.22
C GLU A 102 3.64 -3.68 33.15
N VAL A 103 2.47 -4.04 32.62
CA VAL A 103 1.29 -4.41 33.41
C VAL A 103 1.38 -5.81 34.02
N GLY A 104 1.67 -6.86 33.25
CA GLY A 104 1.78 -8.23 33.75
C GLY A 104 0.46 -9.00 33.78
N THR A 105 -0.73 -8.35 33.84
CA THR A 105 -2.03 -9.01 33.97
C THR A 105 -2.62 -9.59 32.68
N VAL A 106 -1.99 -9.39 31.52
CA VAL A 106 -2.59 -9.91 30.30
C VAL A 106 -2.24 -11.37 30.01
N LYS A 107 -3.34 -12.10 29.92
CA LYS A 107 -3.42 -13.53 29.65
C LYS A 107 -3.11 -13.92 28.20
N ARG A 108 -3.41 -13.06 27.20
CA ARG A 108 -3.15 -13.37 25.80
C ARG A 108 -3.06 -12.13 24.93
N PHE A 109 -2.08 -12.00 24.04
CA PHE A 109 -2.01 -10.91 23.07
C PHE A 109 -2.08 -11.48 21.66
N PHE A 110 -3.10 -11.01 20.94
CA PHE A 110 -3.28 -11.28 19.52
C PHE A 110 -2.76 -10.05 18.76
N PRO A 111 -1.59 -10.02 18.08
CA PRO A 111 -1.15 -8.88 17.26
C PRO A 111 -1.91 -8.80 15.94
N SER A 112 -1.75 -7.71 15.17
CA SER A 112 -2.46 -7.56 13.89
C SER A 112 -1.85 -8.43 12.78
N GLU A 113 -2.47 -9.59 12.57
CA GLU A 113 -2.07 -10.63 11.67
C GLU A 113 -3.21 -10.78 10.69
N PHE A 114 -4.07 -11.81 10.81
CA PHE A 114 -5.29 -12.01 10.03
C PHE A 114 -5.19 -12.04 8.49
N GLY A 115 -4.07 -12.58 8.03
CA GLY A 115 -3.85 -12.82 6.62
C GLY A 115 -2.95 -14.03 6.50
N ASN A 116 -1.91 -13.93 5.67
CA ASN A 116 -0.96 -15.00 5.47
C ASN A 116 -0.07 -15.16 6.71
N ASP A 117 0.49 -16.35 6.92
CA ASP A 117 1.40 -16.55 8.04
C ASP A 117 2.75 -16.07 7.55
N VAL A 118 3.19 -14.97 8.15
CA VAL A 118 4.40 -14.30 7.73
C VAL A 118 5.68 -15.06 7.96
N ASP A 119 5.68 -16.13 8.76
CA ASP A 119 6.84 -16.95 8.93
C ASP A 119 6.81 -18.11 7.95
N ASN A 120 5.81 -18.20 7.06
CA ASN A 120 5.75 -19.20 6.00
C ASN A 120 5.15 -18.65 4.70
N VAL A 121 5.90 -17.70 4.12
CA VAL A 121 5.61 -17.10 2.82
C VAL A 121 6.90 -17.17 2.00
N HIS A 122 6.72 -17.15 0.69
CA HIS A 122 7.77 -17.12 -0.30
C HIS A 122 7.54 -15.83 -1.09
N ALA A 123 7.32 -14.70 -0.41
CA ALA A 123 6.99 -13.42 -1.05
C ALA A 123 8.10 -12.66 -1.76
N VAL A 124 7.77 -11.85 -2.78
CA VAL A 124 8.71 -10.96 -3.48
C VAL A 124 8.38 -9.56 -3.05
N GLU A 125 9.28 -8.59 -3.18
CA GLU A 125 8.97 -7.22 -2.83
C GLU A 125 7.85 -6.64 -3.68
N PRO A 126 7.08 -5.64 -3.22
CA PRO A 126 7.07 -5.08 -1.87
C PRO A 126 6.39 -5.90 -0.77
N ALA A 127 5.59 -6.89 -1.13
CA ALA A 127 4.98 -7.81 -0.19
C ALA A 127 5.97 -8.46 0.77
N LYS A 128 7.17 -8.86 0.33
CA LYS A 128 8.17 -9.43 1.20
C LYS A 128 8.50 -8.56 2.39
N SER A 129 8.53 -7.23 2.22
CA SER A 129 8.83 -6.33 3.31
C SER A 129 7.65 -6.06 4.23
N VAL A 130 6.44 -6.06 3.69
CA VAL A 130 5.21 -5.90 4.46
C VAL A 130 5.12 -7.04 5.48
N PHE A 131 5.37 -8.27 5.00
CA PHE A 131 5.33 -9.47 5.81
C PHE A 131 6.41 -9.47 6.89
N GLU A 132 7.64 -9.03 6.55
CA GLU A 132 8.78 -8.96 7.48
C GLU A 132 8.54 -8.01 8.65
N VAL A 133 7.68 -6.97 8.51
CA VAL A 133 7.33 -6.08 9.60
C VAL A 133 6.47 -6.83 10.64
N LYS A 134 5.56 -7.69 10.19
CA LYS A 134 4.75 -8.49 11.07
C LYS A 134 5.56 -9.59 11.78
N ALA A 135 6.46 -10.26 11.04
CA ALA A 135 7.35 -11.27 11.58
C ALA A 135 8.25 -10.72 12.67
N LYS A 136 8.67 -9.47 12.52
CA LYS A 136 9.52 -8.82 13.49
C LYS A 136 8.76 -8.50 14.79
N VAL A 137 7.44 -8.27 14.73
CA VAL A 137 6.59 -8.02 15.90
C VAL A 137 6.40 -9.36 16.60
N ARG A 138 6.30 -10.45 15.82
CA ARG A 138 6.16 -11.75 16.43
C ARG A 138 7.42 -11.99 17.24
N ARG A 139 8.63 -11.74 16.71
CA ARG A 139 9.83 -11.97 17.49
C ARG A 139 9.90 -11.06 18.69
N ALA A 140 9.29 -9.86 18.66
CA ALA A 140 9.30 -8.97 19.81
C ALA A 140 8.31 -9.43 20.87
N ILE A 141 7.15 -10.00 20.51
CA ILE A 141 6.20 -10.59 21.46
C ILE A 141 6.84 -11.74 22.23
N GLU A 142 7.50 -12.62 21.46
CA GLU A 142 8.28 -13.77 21.92
C GLU A 142 9.43 -13.37 22.83
N ALA A 143 10.18 -12.29 22.51
CA ALA A 143 11.28 -11.83 23.35
C ALA A 143 10.83 -11.32 24.69
N GLU A 144 9.64 -10.74 24.78
CA GLU A 144 9.10 -10.27 26.03
C GLU A 144 8.51 -11.38 26.90
N GLY A 145 8.29 -12.57 26.33
CA GLY A 145 7.70 -13.71 27.01
C GLY A 145 6.18 -13.62 27.08
N ILE A 146 5.55 -12.70 26.32
CA ILE A 146 4.11 -12.46 26.37
C ILE A 146 3.36 -13.60 25.75
N PRO A 147 2.28 -14.02 26.38
CA PRO A 147 1.42 -15.07 25.85
C PRO A 147 0.72 -14.54 24.59
N TYR A 148 0.74 -15.34 23.52
CA TYR A 148 0.31 -14.92 22.19
C TYR A 148 -0.48 -15.96 21.42
N THR A 149 -1.21 -15.46 20.43
CA THR A 149 -1.84 -16.27 19.38
C THR A 149 -1.77 -15.38 18.15
N TYR A 150 -1.27 -16.02 17.09
CA TYR A 150 -1.09 -15.42 15.78
C TYR A 150 -2.17 -16.00 14.90
N VAL A 151 -3.11 -15.19 14.41
CA VAL A 151 -4.17 -15.75 13.60
C VAL A 151 -3.89 -15.50 12.13
N SER A 152 -3.82 -16.62 11.43
CA SER A 152 -3.51 -16.63 10.02
C SER A 152 -4.76 -17.02 9.28
N SER A 153 -5.59 -16.00 9.04
CA SER A 153 -6.93 -16.20 8.50
C SER A 153 -7.09 -16.24 7.00
N ASN A 154 -5.97 -16.12 6.29
CA ASN A 154 -5.89 -16.19 4.85
C ASN A 154 -6.67 -15.16 4.05
N CYS A 155 -7.41 -15.54 3.01
CA CYS A 155 -8.09 -14.59 2.14
C CYS A 155 -9.46 -14.14 2.56
N PHE A 156 -9.62 -12.84 2.74
CA PHE A 156 -10.89 -12.23 3.04
C PHE A 156 -11.89 -12.56 1.94
N ALA A 157 -13.00 -13.24 2.23
CA ALA A 157 -13.98 -13.55 1.21
C ALA A 157 -14.54 -12.31 0.53
N GLY A 158 -14.86 -11.27 1.29
CA GLY A 158 -15.42 -10.04 0.77
C GLY A 158 -14.45 -9.15 -0.01
N TYR A 159 -13.23 -9.59 -0.22
CA TYR A 159 -12.34 -8.86 -1.06
C TYR A 159 -12.00 -9.79 -2.23
N PHE A 160 -11.31 -10.90 -1.94
CA PHE A 160 -10.82 -11.87 -2.92
C PHE A 160 -11.85 -12.85 -3.49
N LEU A 161 -12.83 -13.35 -2.73
CA LEU A 161 -13.81 -14.32 -3.24
C LEU A 161 -14.87 -13.63 -4.10
N ARG A 162 -15.35 -12.50 -3.56
CA ARG A 162 -16.34 -11.68 -4.20
C ARG A 162 -15.83 -11.14 -5.53
N SER A 163 -14.52 -10.97 -5.69
CA SER A 163 -13.95 -10.48 -6.93
C SER A 163 -13.52 -11.58 -7.87
N LEU A 164 -13.54 -12.81 -7.34
CA LEU A 164 -13.03 -14.02 -7.98
C LEU A 164 -11.54 -13.85 -8.27
N ALA A 165 -10.88 -13.18 -7.30
CA ALA A 165 -9.47 -12.82 -7.28
C ALA A 165 -9.06 -11.88 -8.38
N GLN A 166 -10.02 -11.09 -8.90
CA GLN A 166 -9.77 -10.10 -9.93
C GLN A 166 -9.59 -8.71 -9.37
N ALA A 167 -8.37 -8.18 -9.56
CA ALA A 167 -7.92 -6.89 -9.09
C ALA A 167 -8.86 -5.71 -8.96
N GLY A 168 -9.77 -5.45 -9.89
CA GLY A 168 -10.62 -4.29 -9.73
C GLY A 168 -11.98 -4.57 -9.10
N LEU A 169 -12.54 -5.74 -9.37
CA LEU A 169 -13.93 -6.07 -9.05
C LEU A 169 -14.52 -6.12 -7.64
N THR A 170 -15.83 -5.94 -7.66
CA THR A 170 -16.73 -5.83 -6.52
C THR A 170 -17.88 -6.87 -6.58
N ALA A 171 -17.80 -7.66 -7.65
CA ALA A 171 -18.74 -8.72 -7.96
C ALA A 171 -17.98 -9.66 -8.88
N PRO A 172 -18.27 -10.99 -8.91
CA PRO A 172 -17.63 -11.95 -9.82
C PRO A 172 -17.85 -11.63 -11.28
N PRO A 173 -16.82 -11.63 -12.14
CA PRO A 173 -16.92 -11.28 -13.56
C PRO A 173 -17.77 -12.29 -14.31
N ARG A 174 -18.56 -11.86 -15.27
CA ARG A 174 -19.36 -12.79 -16.08
C ARG A 174 -18.81 -12.99 -17.50
N ASP A 175 -17.78 -12.21 -17.86
CA ASP A 175 -17.15 -12.25 -19.17
C ASP A 175 -15.80 -12.96 -19.20
N LYS A 176 -14.90 -12.49 -18.33
CA LYS A 176 -13.53 -12.94 -18.30
C LYS A 176 -12.81 -12.84 -16.97
N VAL A 177 -11.80 -13.71 -16.88
CA VAL A 177 -10.89 -13.80 -15.75
C VAL A 177 -9.45 -13.88 -16.20
N VAL A 178 -8.56 -13.32 -15.37
CA VAL A 178 -7.13 -13.44 -15.50
C VAL A 178 -6.66 -14.31 -14.34
N ILE A 179 -6.16 -15.50 -14.67
CA ILE A 179 -5.65 -16.46 -13.69
C ILE A 179 -4.12 -16.44 -13.70
N LEU A 180 -3.61 -16.07 -12.54
CA LEU A 180 -2.16 -15.98 -12.33
C LEU A 180 -1.54 -17.36 -12.14
N GLY A 181 -0.33 -17.56 -12.67
CA GLY A 181 0.33 -18.87 -12.66
C GLY A 181 -0.47 -19.91 -13.44
N ASP A 182 -0.46 -21.14 -12.90
CA ASP A 182 -1.19 -22.23 -13.52
C ASP A 182 -2.65 -22.32 -13.11
N GLY A 183 -2.98 -21.61 -12.04
CA GLY A 183 -4.30 -21.58 -11.46
C GLY A 183 -4.55 -22.79 -10.58
N ASN A 184 -3.59 -23.66 -10.28
CA ASN A 184 -3.79 -24.84 -9.43
C ASN A 184 -3.35 -24.69 -7.98
N ALA A 185 -2.74 -23.56 -7.58
CA ALA A 185 -2.42 -23.33 -6.17
C ALA A 185 -3.67 -23.14 -5.34
N ARG A 186 -3.83 -23.94 -4.28
CA ARG A 186 -4.99 -23.81 -3.43
C ARG A 186 -4.83 -22.67 -2.44
N VAL A 187 -5.99 -22.06 -2.30
CA VAL A 187 -6.17 -20.87 -1.52
C VAL A 187 -7.27 -21.20 -0.55
N VAL A 188 -7.34 -20.49 0.58
CA VAL A 188 -8.54 -20.60 1.39
C VAL A 188 -9.11 -19.20 1.65
N PHE A 189 -10.42 -19.16 1.45
CA PHE A 189 -11.20 -17.96 1.62
C PHE A 189 -12.07 -18.18 2.84
N VAL A 190 -12.11 -17.16 3.69
CA VAL A 190 -12.88 -17.16 4.91
C VAL A 190 -13.72 -15.88 4.96
N LYS A 191 -15.01 -16.01 5.30
CA LYS A 191 -15.85 -14.85 5.41
C LYS A 191 -15.41 -14.09 6.66
N GLU A 192 -15.32 -12.77 6.55
CA GLU A 192 -14.80 -11.92 7.61
C GLU A 192 -15.46 -12.09 8.97
N GLU A 193 -16.79 -12.31 8.98
CA GLU A 193 -17.54 -12.49 10.23
C GLU A 193 -17.15 -13.80 10.91
N ASP A 194 -16.82 -14.83 10.10
CA ASP A 194 -16.29 -16.09 10.59
C ASP A 194 -14.90 -15.96 11.17
N ILE A 195 -14.03 -15.10 10.60
CA ILE A 195 -12.68 -14.82 11.09
C ILE A 195 -12.78 -14.23 12.50
N GLY A 196 -13.76 -13.36 12.72
CA GLY A 196 -14.02 -12.71 14.00
C GLY A 196 -14.47 -13.70 15.06
N THR A 197 -15.37 -14.65 14.74
CA THR A 197 -15.82 -15.69 15.65
C THR A 197 -14.70 -16.64 16.07
N PHE A 198 -14.01 -17.34 15.16
CA PHE A 198 -12.93 -18.26 15.50
C PHE A 198 -11.78 -17.62 16.25
N THR A 199 -11.53 -16.31 16.01
CA THR A 199 -10.52 -15.53 16.73
C THR A 199 -10.94 -15.37 18.20
N ILE A 200 -12.21 -15.06 18.46
CA ILE A 200 -12.73 -14.89 19.81
C ILE A 200 -12.83 -16.23 20.54
N LYS A 201 -13.06 -17.35 19.84
CA LYS A 201 -13.06 -18.69 20.43
C LYS A 201 -11.70 -19.20 20.87
N ALA A 202 -10.62 -18.60 20.37
CA ALA A 202 -9.26 -19.02 20.69
C ALA A 202 -8.63 -18.33 21.89
N VAL A 203 -9.23 -17.19 22.28
CA VAL A 203 -8.82 -16.28 23.35
C VAL A 203 -8.41 -16.90 24.69
N ASP A 204 -9.23 -17.83 25.21
CA ASP A 204 -9.00 -18.47 26.51
C ASP A 204 -8.60 -19.94 26.40
N ASP A 205 -8.67 -20.54 25.20
CA ASP A 205 -8.33 -21.94 24.98
C ASP A 205 -6.81 -22.21 25.14
N PRO A 206 -6.37 -23.24 25.87
CA PRO A 206 -4.97 -23.57 26.04
C PRO A 206 -4.32 -24.29 24.87
N ARG A 207 -5.14 -24.77 23.92
CA ARG A 207 -4.61 -25.38 22.71
C ARG A 207 -4.03 -24.35 21.74
N THR A 208 -4.49 -23.08 21.89
CA THR A 208 -4.05 -21.93 21.13
C THR A 208 -3.08 -21.06 21.94
N LEU A 209 -2.60 -21.46 23.13
CA LEU A 209 -1.61 -20.66 23.83
C LEU A 209 -0.26 -20.87 23.21
N ASN A 210 0.27 -19.71 22.80
CA ASN A 210 1.54 -19.55 22.12
C ASN A 210 1.63 -20.43 20.87
N LYS A 211 0.56 -20.29 20.08
CA LYS A 211 0.40 -20.96 18.79
C LYS A 211 0.05 -20.00 17.66
N THR A 212 0.27 -20.45 16.42
CA THR A 212 -0.29 -19.74 15.29
C THR A 212 -1.55 -20.53 15.00
N LEU A 213 -2.69 -19.84 14.94
CA LEU A 213 -3.96 -20.44 14.59
C LEU A 213 -4.30 -20.22 13.13
N TYR A 214 -4.35 -21.32 12.39
CA TYR A 214 -4.69 -21.31 10.99
C TYR A 214 -6.18 -21.52 10.80
N LEU A 215 -6.69 -20.91 9.76
CA LEU A 215 -8.06 -21.10 9.34
C LEU A 215 -7.93 -21.78 7.98
N ARG A 216 -7.69 -23.11 7.99
CA ARG A 216 -7.62 -23.91 6.76
C ARG A 216 -8.92 -24.69 6.57
N LEU A 217 -10.01 -23.95 6.36
CA LEU A 217 -11.35 -24.47 6.33
C LEU A 217 -11.61 -25.33 5.11
N PRO A 218 -11.90 -26.63 5.28
CA PRO A 218 -12.11 -27.61 4.20
C PRO A 218 -12.97 -27.23 2.99
N ALA A 219 -14.20 -26.76 3.23
CA ALA A 219 -15.11 -26.36 2.16
C ALA A 219 -14.71 -25.06 1.48
N ASN A 220 -13.79 -24.34 2.14
CA ASN A 220 -13.27 -23.08 1.67
C ASN A 220 -11.86 -23.09 1.04
N THR A 221 -11.24 -24.25 0.85
CA THR A 221 -9.91 -24.42 0.27
C THR A 221 -10.03 -24.97 -1.14
N LEU A 222 -9.62 -24.18 -2.12
CA LEU A 222 -9.65 -24.50 -3.56
C LEU A 222 -8.70 -23.65 -4.36
N SER A 223 -8.41 -24.05 -5.60
CA SER A 223 -7.57 -23.30 -6.52
C SER A 223 -8.37 -22.31 -7.36
N LEU A 224 -7.78 -21.32 -8.07
CA LEU A 224 -8.59 -20.39 -8.88
C LEU A 224 -9.27 -21.10 -10.05
N ASN A 225 -8.61 -22.10 -10.65
CA ASN A 225 -9.25 -22.99 -11.62
C ASN A 225 -10.53 -23.61 -11.12
N GLU A 226 -10.52 -24.18 -9.91
CA GLU A 226 -11.73 -24.72 -9.32
C GLU A 226 -12.77 -23.65 -9.03
N LEU A 227 -12.37 -22.46 -8.55
CA LEU A 227 -13.30 -21.39 -8.25
C LEU A 227 -13.93 -20.83 -9.51
N VAL A 228 -13.17 -20.60 -10.60
CA VAL A 228 -13.74 -20.14 -11.87
C VAL A 228 -14.73 -21.17 -12.39
N ALA A 229 -14.38 -22.49 -12.28
CA ALA A 229 -15.24 -23.57 -12.71
C ALA A 229 -16.52 -23.76 -11.89
N LEU A 230 -16.49 -23.48 -10.58
CA LEU A 230 -17.69 -23.50 -9.75
C LEU A 230 -18.56 -22.34 -10.19
N TRP A 231 -17.97 -21.15 -10.44
CA TRP A 231 -18.81 -20.06 -10.88
C TRP A 231 -19.29 -20.11 -12.34
N GLU A 232 -18.58 -20.71 -13.29
CA GLU A 232 -19.08 -20.88 -14.64
C GLU A 232 -20.29 -21.77 -14.63
N LYS A 233 -20.32 -22.72 -13.68
CA LYS A 233 -21.42 -23.65 -13.48
C LYS A 233 -22.67 -22.92 -13.00
N LYS A 234 -22.51 -22.16 -11.91
CA LYS A 234 -23.61 -21.41 -11.30
C LYS A 234 -24.19 -20.39 -12.25
N ILE A 235 -23.34 -19.56 -12.89
CA ILE A 235 -23.74 -18.56 -13.87
C ILE A 235 -24.01 -19.15 -15.28
N ASP A 236 -23.99 -20.50 -15.39
CA ASP A 236 -24.11 -21.30 -16.59
C ASP A 236 -23.69 -20.73 -17.93
N LYS A 237 -22.41 -20.34 -17.91
CA LYS A 237 -21.68 -19.85 -19.07
C LYS A 237 -20.19 -19.91 -18.81
N THR A 238 -19.41 -19.80 -19.89
CA THR A 238 -17.96 -19.88 -19.87
C THR A 238 -17.33 -18.51 -19.95
N LEU A 239 -16.39 -18.32 -19.02
CA LEU A 239 -15.58 -17.15 -18.91
C LEU A 239 -14.35 -17.25 -19.82
N GLU A 240 -14.02 -16.14 -20.45
CA GLU A 240 -12.81 -16.10 -21.21
C GLU A 240 -11.65 -15.96 -20.23
N LYS A 241 -10.58 -16.77 -20.41
CA LYS A 241 -9.46 -16.72 -19.48
C LYS A 241 -8.16 -16.37 -20.13
N ALA A 242 -7.39 -15.70 -19.29
CA ALA A 242 -6.02 -15.33 -19.59
C ALA A 242 -5.13 -15.91 -18.52
N TYR A 243 -3.97 -16.35 -19.01
CA TYR A 243 -2.98 -16.98 -18.17
C TYR A 243 -1.72 -16.19 -18.23
N VAL A 244 -1.38 -15.83 -16.99
CA VAL A 244 -0.23 -14.98 -16.71
C VAL A 244 0.76 -15.85 -15.95
N PRO A 245 1.92 -16.30 -16.49
CA PRO A 245 2.95 -17.02 -15.74
C PRO A 245 3.67 -16.18 -14.67
N GLU A 246 4.44 -16.83 -13.78
CA GLU A 246 5.10 -16.17 -12.67
C GLU A 246 5.98 -15.01 -13.09
N GLU A 247 6.73 -15.22 -14.16
CA GLU A 247 7.68 -14.30 -14.76
C GLU A 247 7.00 -13.02 -15.25
N GLU A 248 5.81 -13.14 -15.83
CA GLU A 248 5.02 -12.02 -16.28
C GLU A 248 4.39 -11.30 -15.08
N VAL A 249 4.00 -12.01 -14.02
CA VAL A 249 3.55 -11.40 -12.78
C VAL A 249 4.69 -10.56 -12.18
N LEU A 250 5.93 -11.02 -12.10
CA LEU A 250 7.05 -10.28 -11.52
C LEU A 250 7.39 -9.02 -12.29
N LYS A 251 7.33 -9.09 -13.64
CA LYS A 251 7.46 -7.90 -14.49
C LYS A 251 6.38 -6.88 -14.18
N LEU A 252 5.14 -7.35 -14.02
CA LEU A 252 4.02 -6.51 -13.63
C LEU A 252 4.34 -5.77 -12.32
N ILE A 253 4.81 -6.49 -11.30
CA ILE A 253 5.14 -5.91 -10.02
C ILE A 253 6.17 -4.84 -10.19
N ALA A 254 7.29 -5.14 -10.85
CA ALA A 254 8.33 -4.15 -11.06
C ALA A 254 7.91 -2.88 -11.80
N ASP A 255 6.93 -3.04 -12.70
CA ASP A 255 6.46 -1.94 -13.52
C ASP A 255 5.12 -1.33 -13.07
N THR A 256 4.81 -1.48 -11.78
CA THR A 256 3.61 -0.89 -11.16
C THR A 256 4.13 -0.06 -10.00
N PRO A 257 3.66 1.17 -9.77
CA PRO A 257 3.98 1.98 -8.60
C PRO A 257 3.26 1.58 -7.30
N PHE A 258 3.65 2.19 -6.17
CA PHE A 258 2.95 2.07 -4.90
C PHE A 258 1.51 2.64 -5.00
N PRO A 259 0.42 2.15 -4.35
CA PRO A 259 0.36 0.91 -3.57
C PRO A 259 -0.02 -0.36 -4.30
N ALA A 260 -0.41 -0.28 -5.56
CA ALA A 260 -0.84 -1.39 -6.38
C ALA A 260 0.17 -2.50 -6.59
N ASN A 261 1.47 -2.21 -6.44
CA ASN A 261 2.48 -3.25 -6.53
C ASN A 261 2.44 -4.14 -5.29
N ILE A 262 1.99 -3.63 -4.15
CA ILE A 262 1.87 -4.42 -2.94
C ILE A 262 0.73 -5.38 -3.16
N SER A 263 -0.37 -4.95 -3.78
CA SER A 263 -1.48 -5.80 -4.14
C SER A 263 -1.05 -6.99 -4.98
N ILE A 264 -0.38 -6.73 -6.11
CA ILE A 264 0.04 -7.75 -7.06
C ILE A 264 1.08 -8.62 -6.42
N ALA A 265 1.91 -8.14 -5.49
CA ALA A 265 2.88 -9.02 -4.89
C ALA A 265 2.27 -9.96 -3.85
N ILE A 266 1.23 -9.53 -3.11
CA ILE A 266 0.53 -10.41 -2.15
C ILE A 266 -0.20 -11.51 -2.92
N SER A 267 -0.85 -11.17 -4.03
CA SER A 267 -1.48 -12.06 -4.97
C SER A 267 -0.50 -13.05 -5.62
N HIS A 268 0.78 -12.75 -5.85
CA HIS A 268 1.77 -13.73 -6.27
C HIS A 268 2.04 -14.77 -5.16
N SER A 269 2.27 -14.32 -3.91
CA SER A 269 2.45 -15.19 -2.77
C SER A 269 1.26 -16.16 -2.59
N ILE A 270 0.04 -15.61 -2.51
CA ILE A 270 -1.18 -16.38 -2.43
C ILE A 270 -1.46 -17.18 -3.69
N PHE A 271 -1.73 -16.56 -4.83
CA PHE A 271 -2.14 -17.34 -6.00
C PHE A 271 -1.06 -17.93 -6.83
N VAL A 272 0.19 -17.51 -6.76
CA VAL A 272 1.17 -18.14 -7.63
C VAL A 272 1.98 -19.17 -6.86
N LYS A 273 2.47 -18.75 -5.70
CA LYS A 273 3.25 -19.63 -4.86
C LYS A 273 2.39 -20.61 -4.08
N GLY A 274 1.14 -20.25 -3.79
CA GLY A 274 0.26 -21.11 -3.03
C GLY A 274 0.58 -21.06 -1.55
N ASP A 275 1.11 -19.93 -1.06
CA ASP A 275 1.58 -19.77 0.31
C ASP A 275 0.68 -20.00 1.50
N GLN A 276 -0.60 -20.20 1.24
CA GLN A 276 -1.58 -20.48 2.28
C GLN A 276 -1.70 -21.98 2.50
N THR A 277 -1.27 -22.78 1.53
CA THR A 277 -1.46 -24.22 1.62
C THR A 277 -0.22 -25.05 1.26
N ASN A 278 0.97 -24.46 1.05
CA ASN A 278 2.12 -25.22 0.63
C ASN A 278 3.10 -25.62 1.75
N PHE A 279 2.59 -25.69 2.98
CA PHE A 279 3.38 -26.05 4.14
C PHE A 279 2.45 -26.68 5.16
N GLU A 280 2.99 -27.54 6.02
CA GLU A 280 2.20 -28.15 7.06
C GLU A 280 2.26 -27.36 8.34
N ILE A 281 1.12 -27.40 9.02
CA ILE A 281 0.96 -26.84 10.34
C ILE A 281 1.84 -27.72 11.25
N GLY A 282 2.83 -27.06 11.87
CA GLY A 282 3.83 -27.76 12.65
C GLY A 282 3.35 -28.00 14.07
N PRO A 283 4.25 -28.36 15.00
CA PRO A 283 3.98 -28.44 16.43
C PRO A 283 3.41 -27.16 17.06
N ALA A 284 3.87 -25.97 16.63
CA ALA A 284 3.39 -24.70 17.16
C ALA A 284 2.19 -24.11 16.43
N GLY A 285 1.49 -24.91 15.66
CA GLY A 285 0.33 -24.44 14.97
C GLY A 285 -0.85 -25.29 15.33
N VAL A 286 -2.03 -24.72 15.08
CA VAL A 286 -3.28 -25.41 15.34
C VAL A 286 -4.34 -24.91 14.34
N GLU A 287 -5.36 -25.70 13.97
CA GLU A 287 -6.33 -25.28 12.97
C GLU A 287 -7.70 -25.04 13.58
N ALA A 288 -8.39 -23.94 13.22
CA ALA A 288 -9.64 -23.53 13.82
C ALA A 288 -10.89 -24.39 13.62
N SER A 289 -10.96 -25.23 12.60
CA SER A 289 -12.09 -26.10 12.30
C SER A 289 -11.99 -27.43 13.03
N GLN A 290 -10.77 -27.91 13.29
CA GLN A 290 -10.51 -29.10 14.08
C GLN A 290 -10.58 -28.74 15.58
N LEU A 291 -10.32 -27.48 15.92
CA LEU A 291 -10.40 -26.96 17.28
C LEU A 291 -11.81 -26.51 17.68
N TYR A 292 -12.61 -25.95 16.75
CA TYR A 292 -13.97 -25.45 16.99
C TYR A 292 -14.87 -26.06 15.92
N PRO A 293 -15.13 -27.39 15.86
CA PRO A 293 -15.99 -28.06 14.87
C PRO A 293 -17.47 -27.73 14.90
N ASP A 294 -17.77 -27.05 16.01
CA ASP A 294 -19.04 -26.52 16.41
C ASP A 294 -19.49 -25.29 15.63
N VAL A 295 -18.54 -24.44 15.19
CA VAL A 295 -18.79 -23.23 14.40
C VAL A 295 -19.15 -23.63 12.97
N LYS A 296 -20.29 -23.05 12.59
CA LYS A 296 -20.76 -23.18 11.22
C LYS A 296 -20.28 -21.92 10.51
N TYR A 297 -19.40 -22.14 9.53
CA TYR A 297 -18.89 -21.05 8.72
C TYR A 297 -19.53 -21.13 7.36
N THR A 298 -19.61 -19.96 6.72
CA THR A 298 -20.10 -19.82 5.37
C THR A 298 -19.09 -20.45 4.41
N THR A 299 -19.60 -21.37 3.60
CA THR A 299 -18.76 -22.00 2.61
C THR A 299 -18.59 -21.13 1.37
N VAL A 300 -17.60 -21.43 0.53
CA VAL A 300 -17.43 -20.72 -0.73
C VAL A 300 -18.62 -20.91 -1.63
N ASP A 301 -19.24 -22.09 -1.62
CA ASP A 301 -20.43 -22.37 -2.43
C ASP A 301 -21.63 -21.53 -2.02
N GLU A 302 -21.76 -21.36 -0.69
CA GLU A 302 -22.79 -20.52 -0.09
C GLU A 302 -22.57 -19.05 -0.46
N TYR A 303 -21.37 -18.50 -0.24
CA TYR A 303 -21.07 -17.11 -0.50
C TYR A 303 -21.21 -16.84 -1.99
N LEU A 304 -20.83 -17.78 -2.85
CA LEU A 304 -20.96 -17.55 -4.26
C LEU A 304 -22.35 -17.64 -4.82
N SER A 305 -23.21 -18.51 -4.27
CA SER A 305 -24.60 -18.63 -4.70
C SER A 305 -25.36 -17.30 -4.60
N ASN A 306 -25.01 -16.39 -3.67
CA ASN A 306 -25.60 -15.04 -3.53
C ASN A 306 -25.43 -14.08 -4.73
N PHE A 307 -24.30 -14.17 -5.41
CA PHE A 307 -23.96 -13.33 -6.55
C PHE A 307 -24.48 -13.79 -7.90
N VAL A 308 -25.10 -14.98 -7.89
CA VAL A 308 -25.63 -15.64 -9.09
C VAL A 308 -26.83 -14.99 -9.79
N GLY B 2 35.17 23.10 -17.90
CA GLY B 2 34.08 23.23 -16.94
C GLY B 2 34.10 22.19 -15.80
N SER B 3 33.02 22.19 -14.98
CA SER B 3 32.84 21.28 -13.84
C SER B 3 31.36 21.03 -13.47
N ARG B 4 30.85 19.90 -14.00
CA ARG B 4 29.50 19.43 -13.80
C ARG B 4 29.22 18.86 -12.42
N SER B 5 27.96 19.05 -11.98
CA SER B 5 27.54 18.58 -10.66
C SER B 5 27.35 17.07 -10.61
N ARG B 6 27.96 16.52 -9.56
CA ARG B 6 27.89 15.11 -9.23
C ARG B 6 26.60 14.77 -8.49
N ILE B 7 25.82 13.89 -9.09
CA ILE B 7 24.57 13.38 -8.52
C ILE B 7 24.68 11.94 -7.96
N LEU B 8 24.35 11.73 -6.68
CA LEU B 8 24.22 10.38 -6.12
C LEU B 8 22.73 10.09 -6.12
N LEU B 9 22.30 8.93 -6.61
CA LEU B 9 20.90 8.60 -6.61
C LEU B 9 20.68 7.38 -5.74
N ILE B 10 19.71 7.53 -4.82
CA ILE B 10 19.31 6.50 -3.85
C ILE B 10 17.93 6.04 -4.26
N GLY B 11 17.82 4.78 -4.65
CA GLY B 11 16.56 4.20 -5.09
C GLY B 11 16.44 4.15 -6.60
N ALA B 12 17.61 4.09 -7.24
CA ALA B 12 17.76 4.08 -8.68
C ALA B 12 17.05 3.02 -9.49
N THR B 13 16.71 1.88 -8.89
CA THR B 13 16.03 0.82 -9.63
C THR B 13 14.52 0.80 -9.37
N GLY B 14 14.01 1.77 -8.58
CA GLY B 14 12.58 1.91 -8.32
C GLY B 14 11.82 2.38 -9.55
N TYR B 15 10.48 2.49 -9.42
CA TYR B 15 9.59 2.84 -10.53
C TYR B 15 9.93 4.14 -11.24
N ILE B 16 10.29 5.14 -10.44
CA ILE B 16 10.70 6.43 -10.99
C ILE B 16 12.21 6.60 -10.93
N GLY B 17 12.95 5.98 -9.99
CA GLY B 17 14.38 6.20 -9.84
C GLY B 17 15.18 5.85 -11.08
N ARG B 18 14.67 4.84 -11.80
CA ARG B 18 15.27 4.38 -13.01
C ARG B 18 15.17 5.45 -14.07
N HIS B 19 14.07 6.21 -14.15
CA HIS B 19 13.91 7.27 -15.13
C HIS B 19 14.66 8.55 -14.82
N VAL B 20 14.95 8.75 -13.54
CA VAL B 20 15.76 9.83 -13.03
C VAL B 20 17.22 9.47 -13.31
N ALA B 21 17.65 8.21 -13.05
CA ALA B 21 19.03 7.80 -13.26
C ALA B 21 19.41 7.90 -14.72
N LYS B 22 18.48 7.46 -15.58
CA LYS B 22 18.61 7.59 -17.00
C LYS B 22 18.88 9.03 -17.45
N ALA B 23 18.05 9.96 -17.00
CA ALA B 23 18.16 11.37 -17.33
C ALA B 23 19.38 12.07 -16.78
N SER B 24 19.86 11.66 -15.61
CA SER B 24 21.12 12.15 -15.06
C SER B 24 22.24 11.74 -16.00
N LEU B 25 22.25 10.51 -16.52
CA LEU B 25 23.22 10.05 -17.48
C LEU B 25 23.09 10.74 -18.84
N ASP B 26 21.84 10.89 -19.35
CA ASP B 26 21.53 11.58 -20.60
C ASP B 26 21.80 13.08 -20.63
N LEU B 27 21.75 13.76 -19.50
CA LEU B 27 22.07 15.17 -19.45
C LEU B 27 23.50 15.42 -18.97
N GLY B 28 24.30 14.36 -19.02
CA GLY B 28 25.73 14.40 -18.83
C GLY B 28 26.24 14.74 -17.46
N HIS B 29 25.48 14.38 -16.41
CA HIS B 29 25.99 14.53 -15.07
C HIS B 29 26.75 13.29 -14.64
N PRO B 30 27.85 13.44 -13.86
CA PRO B 30 28.43 12.39 -13.04
C PRO B 30 27.33 11.79 -12.15
N THR B 31 27.02 10.52 -12.41
CA THR B 31 25.97 9.75 -11.75
C THR B 31 26.53 8.63 -10.91
N PHE B 32 26.19 8.65 -9.64
CA PHE B 32 26.62 7.64 -8.68
C PHE B 32 25.38 6.98 -8.12
N LEU B 33 25.31 5.64 -8.09
CA LEU B 33 24.13 4.93 -7.61
C LEU B 33 24.42 4.11 -6.37
N LEU B 34 23.78 4.45 -5.26
CA LEU B 34 23.98 3.73 -4.02
C LEU B 34 23.23 2.42 -4.16
N VAL B 35 23.98 1.32 -4.22
CA VAL B 35 23.44 -0.03 -4.35
C VAL B 35 24.03 -0.85 -3.22
N ARG B 36 23.20 -1.73 -2.64
CA ARG B 36 23.66 -2.62 -1.59
C ARG B 36 24.24 -3.91 -2.20
N GLU B 37 23.36 -4.63 -2.90
CA GLU B 37 23.68 -5.88 -3.57
C GLU B 37 22.99 -5.98 -4.92
N SER B 38 23.46 -6.94 -5.69
CA SER B 38 22.89 -7.30 -6.97
C SER B 38 22.67 -8.80 -6.79
N THR B 39 21.46 -9.05 -6.25
CA THR B 39 20.97 -10.37 -5.87
C THR B 39 21.06 -11.44 -6.96
N ALA B 40 21.69 -12.55 -6.51
CA ALA B 40 22.03 -13.71 -7.33
C ALA B 40 21.00 -14.23 -8.34
N SER B 41 19.78 -14.58 -7.91
CA SER B 41 18.73 -15.04 -8.83
C SER B 41 17.47 -14.17 -8.73
N SER B 42 17.22 -13.58 -7.54
CA SER B 42 16.03 -12.82 -7.19
C SER B 42 15.65 -11.65 -8.09
N ASN B 43 15.98 -10.38 -7.78
CA ASN B 43 15.65 -9.34 -8.74
C ASN B 43 16.83 -9.13 -9.68
N SER B 44 16.76 -9.97 -10.72
CA SER B 44 17.68 -9.91 -11.83
C SER B 44 17.23 -8.84 -12.82
N GLU B 45 15.98 -8.36 -12.72
CA GLU B 45 15.48 -7.21 -13.49
C GLU B 45 16.29 -5.98 -13.02
N LYS B 46 16.44 -5.92 -11.69
CA LYS B 46 17.22 -4.93 -10.97
C LYS B 46 18.67 -4.99 -11.41
N ALA B 47 19.20 -6.21 -11.43
CA ALA B 47 20.57 -6.46 -11.80
C ALA B 47 20.84 -6.05 -13.22
N GLN B 48 19.92 -6.38 -14.12
CA GLN B 48 20.14 -5.99 -15.49
C GLN B 48 19.83 -4.54 -15.76
N LEU B 49 19.10 -3.87 -14.85
CA LEU B 49 18.86 -2.43 -14.86
C LEU B 49 20.17 -1.75 -14.49
N LEU B 50 20.78 -2.26 -13.41
CA LEU B 50 22.04 -1.73 -12.89
C LEU B 50 23.15 -1.79 -13.92
N GLU B 51 23.20 -2.96 -14.56
CA GLU B 51 24.15 -3.25 -15.62
C GLU B 51 23.99 -2.28 -16.78
N SER B 52 22.76 -2.06 -17.25
CA SER B 52 22.42 -1.06 -18.27
C SER B 52 22.98 0.32 -17.93
N PHE B 53 22.82 0.77 -16.68
CA PHE B 53 23.32 2.05 -16.20
C PHE B 53 24.83 2.03 -16.02
N LYS B 54 25.45 0.88 -15.72
CA LYS B 54 26.90 0.78 -15.65
C LYS B 54 27.48 0.95 -17.04
N ALA B 55 26.88 0.26 -18.01
CA ALA B 55 27.30 0.31 -19.40
C ALA B 55 27.12 1.69 -20.02
N SER B 56 26.11 2.41 -19.52
CA SER B 56 25.79 3.75 -19.97
C SER B 56 26.59 4.81 -19.24
N GLY B 57 27.39 4.46 -18.23
CA GLY B 57 28.22 5.46 -17.59
C GLY B 57 28.13 5.58 -16.09
N ALA B 58 27.12 4.98 -15.41
CA ALA B 58 27.00 5.12 -13.96
C ALA B 58 28.01 4.35 -13.13
N ASN B 59 28.33 5.02 -12.01
CA ASN B 59 29.21 4.53 -10.99
C ASN B 59 28.44 3.98 -9.79
N ILE B 60 28.56 2.68 -9.56
CA ILE B 60 27.88 2.03 -8.47
C ILE B 60 28.65 2.26 -7.17
N VAL B 61 27.98 2.93 -6.24
CA VAL B 61 28.49 3.16 -4.90
C VAL B 61 27.83 2.11 -4.04
N HIS B 62 28.62 1.49 -3.17
CA HIS B 62 28.15 0.46 -2.27
C HIS B 62 27.67 0.96 -0.92
N GLY B 63 26.53 0.44 -0.47
CA GLY B 63 25.96 0.78 0.83
C GLY B 63 24.45 0.92 0.85
N SER B 64 23.85 1.35 1.98
CA SER B 64 22.41 1.58 1.99
C SER B 64 21.98 2.67 2.96
N ILE B 65 20.67 2.89 2.94
CA ILE B 65 19.96 3.85 3.79
C ILE B 65 20.17 3.51 5.27
N ASP B 66 20.61 2.28 5.56
CA ASP B 66 20.80 1.82 6.91
C ASP B 66 22.26 1.71 7.33
N ASP B 67 23.26 1.62 6.44
CA ASP B 67 24.65 1.64 6.88
C ASP B 67 24.91 3.15 6.90
N HIS B 68 24.98 3.75 8.08
CA HIS B 68 25.20 5.18 8.19
C HIS B 68 26.54 5.66 7.62
N ALA B 69 27.58 4.84 7.76
CA ALA B 69 28.90 5.16 7.23
C ALA B 69 28.97 5.08 5.72
N SER B 70 28.25 4.13 5.08
CA SER B 70 28.20 4.00 3.62
C SER B 70 27.55 5.22 2.98
N LEU B 71 26.60 5.75 3.74
CA LEU B 71 25.80 6.91 3.38
C LEU B 71 26.63 8.18 3.50
N VAL B 72 27.36 8.38 4.62
CA VAL B 72 28.20 9.56 4.82
C VAL B 72 29.28 9.54 3.74
N GLU B 73 29.96 8.41 3.53
CA GLU B 73 31.00 8.30 2.52
C GLU B 73 30.51 8.54 1.09
N ALA B 74 29.24 8.17 0.81
CA ALA B 74 28.60 8.38 -0.47
C ALA B 74 28.12 9.80 -0.72
N VAL B 75 27.60 10.48 0.30
CA VAL B 75 27.09 11.83 0.12
C VAL B 75 28.22 12.87 0.18
N LYS B 76 29.41 12.53 0.69
CA LYS B 76 30.51 13.50 0.74
C LYS B 76 31.15 13.68 -0.65
N ASN B 77 31.17 12.59 -1.42
CA ASN B 77 31.69 12.58 -2.78
C ASN B 77 30.77 13.11 -3.87
N VAL B 78 29.68 13.82 -3.50
CA VAL B 78 28.72 14.42 -4.43
C VAL B 78 28.25 15.84 -4.05
N ASP B 79 27.60 16.45 -5.05
CA ASP B 79 27.04 17.79 -4.98
C ASP B 79 25.53 17.81 -4.79
N VAL B 80 24.83 16.88 -5.45
CA VAL B 80 23.39 16.75 -5.44
C VAL B 80 22.98 15.36 -4.98
N VAL B 81 22.02 15.21 -4.06
CA VAL B 81 21.49 13.90 -3.67
C VAL B 81 20.02 13.86 -4.04
N ILE B 82 19.61 12.83 -4.82
CA ILE B 82 18.22 12.57 -5.21
C ILE B 82 17.82 11.19 -4.63
N SER B 83 16.71 11.15 -3.88
CA SER B 83 16.17 9.94 -3.27
C SER B 83 14.92 9.56 -4.02
N THR B 84 14.77 8.33 -4.48
CA THR B 84 13.56 7.93 -5.15
C THR B 84 13.13 6.60 -4.56
N VAL B 85 13.38 6.41 -3.25
CA VAL B 85 13.01 5.18 -2.54
C VAL B 85 11.50 5.00 -2.57
N GLY B 86 11.01 3.75 -2.53
CA GLY B 86 9.58 3.46 -2.54
C GLY B 86 8.93 3.84 -1.22
N SER B 87 7.59 3.91 -1.13
CA SER B 87 6.92 4.34 0.09
C SER B 87 7.27 3.65 1.38
N LEU B 88 7.75 2.41 1.30
CA LEU B 88 8.09 1.66 2.49
C LEU B 88 9.37 2.16 3.19
N GLN B 89 10.20 2.91 2.48
CA GLN B 89 11.42 3.44 3.07
C GLN B 89 11.42 4.95 3.19
N ILE B 90 10.34 5.66 2.86
CA ILE B 90 10.37 7.12 2.88
C ILE B 90 10.70 7.71 4.23
N GLU B 91 10.13 7.12 5.26
CA GLU B 91 10.29 7.48 6.64
C GLU B 91 11.76 7.38 7.05
N SER B 92 12.47 6.36 6.52
CA SER B 92 13.88 6.15 6.83
C SER B 92 14.86 7.07 6.10
N GLN B 93 14.41 7.95 5.16
CA GLN B 93 15.25 8.98 4.52
C GLN B 93 15.83 9.97 5.54
N VAL B 94 15.38 9.86 6.79
CA VAL B 94 15.88 10.65 7.90
C VAL B 94 17.34 10.26 8.17
N ASN B 95 17.74 9.06 7.71
CA ASN B 95 19.11 8.56 7.77
C ASN B 95 19.95 9.35 6.78
N ILE B 96 19.34 9.63 5.62
CA ILE B 96 20.00 10.41 4.58
C ILE B 96 20.17 11.85 5.01
N ILE B 97 19.21 12.41 5.74
CA ILE B 97 19.30 13.75 6.28
C ILE B 97 20.47 13.81 7.28
N LYS B 98 20.68 12.88 8.22
CA LYS B 98 21.81 12.96 9.14
C LYS B 98 23.14 12.88 8.41
N ALA B 99 23.28 12.01 7.40
CA ALA B 99 24.50 11.91 6.61
C ALA B 99 24.80 13.18 5.82
N ILE B 100 23.82 13.77 5.13
CA ILE B 100 23.98 15.03 4.38
C ILE B 100 24.38 16.17 5.30
N LYS B 101 23.73 16.20 6.48
CA LYS B 101 23.93 17.21 7.51
C LYS B 101 25.34 17.16 8.10
N GLU B 102 25.91 15.96 8.27
CA GLU B 102 27.27 15.78 8.77
C GLU B 102 28.37 16.16 7.78
N VAL B 103 28.15 15.84 6.51
CA VAL B 103 29.06 16.10 5.41
C VAL B 103 29.21 17.57 5.03
N GLY B 104 28.18 18.43 5.21
CA GLY B 104 28.28 19.86 4.90
C GLY B 104 28.27 20.21 3.41
N THR B 105 29.00 19.46 2.59
CA THR B 105 29.18 19.52 1.13
C THR B 105 27.97 19.64 0.18
N VAL B 106 26.84 18.97 0.50
CA VAL B 106 25.69 18.85 -0.42
C VAL B 106 24.93 20.13 -0.67
N LYS B 107 24.98 20.44 -1.96
CA LYS B 107 24.33 21.61 -2.52
C LYS B 107 22.82 21.44 -2.73
N ARG B 108 22.30 20.22 -2.87
CA ARG B 108 20.88 20.02 -3.08
C ARG B 108 20.43 18.62 -2.72
N PHE B 109 19.32 18.53 -2.01
CA PHE B 109 18.73 17.23 -1.69
C PHE B 109 17.32 17.22 -2.22
N PHE B 110 17.02 16.20 -3.02
CA PHE B 110 15.68 15.96 -3.52
C PHE B 110 15.14 14.71 -2.79
N PRO B 111 14.29 14.82 -1.77
CA PRO B 111 13.58 13.71 -1.14
C PRO B 111 12.64 12.96 -2.07
N SER B 112 12.22 11.75 -1.68
CA SER B 112 11.34 10.97 -2.54
C SER B 112 9.90 11.42 -2.41
N GLU B 113 9.61 12.25 -3.40
CA GLU B 113 8.34 12.89 -3.62
C GLU B 113 7.71 12.22 -4.83
N PHE B 114 7.70 12.90 -5.97
CA PHE B 114 7.24 12.45 -7.28
C PHE B 114 5.77 12.04 -7.34
N GLY B 115 4.97 12.92 -6.73
CA GLY B 115 3.53 12.77 -6.71
C GLY B 115 2.79 14.08 -6.40
N ASN B 116 1.75 14.00 -5.57
CA ASN B 116 0.99 15.12 -5.10
C ASN B 116 1.88 15.91 -4.15
N ASP B 117 1.60 17.22 -4.13
CA ASP B 117 2.24 18.09 -3.17
C ASP B 117 1.51 17.76 -1.89
N VAL B 118 2.24 17.08 -0.99
CA VAL B 118 1.69 16.59 0.28
C VAL B 118 1.36 17.69 1.28
N ASP B 119 1.85 18.89 0.96
CA ASP B 119 1.58 20.08 1.76
C ASP B 119 0.38 20.83 1.20
N ASN B 120 -0.30 20.32 0.15
CA ASN B 120 -1.49 20.91 -0.46
C ASN B 120 -2.44 19.83 -0.88
N VAL B 121 -2.87 19.11 0.14
CA VAL B 121 -3.69 17.93 -0.02
C VAL B 121 -4.85 17.95 0.99
N HIS B 122 -6.01 17.50 0.52
CA HIS B 122 -7.24 17.43 1.29
C HIS B 122 -7.59 15.96 1.41
N ALA B 123 -6.66 15.15 1.94
CA ALA B 123 -6.82 13.70 1.96
C ALA B 123 -7.52 13.10 3.16
N VAL B 124 -8.07 11.91 2.90
CA VAL B 124 -8.69 11.08 3.92
C VAL B 124 -7.82 9.84 4.09
N GLU B 125 -7.98 9.18 5.24
CA GLU B 125 -7.24 7.98 5.56
C GLU B 125 -7.58 6.83 4.64
N PRO B 126 -6.62 5.94 4.29
CA PRO B 126 -5.21 5.96 4.71
C PRO B 126 -4.24 6.87 3.96
N ALA B 127 -4.66 7.44 2.82
CA ALA B 127 -3.85 8.36 2.03
C ALA B 127 -3.35 9.51 2.85
N LYS B 128 -4.16 10.07 3.72
CA LYS B 128 -3.77 11.13 4.63
C LYS B 128 -2.48 10.83 5.42
N SER B 129 -2.43 9.62 5.98
CA SER B 129 -1.27 9.19 6.74
C SER B 129 -0.08 8.93 5.84
N VAL B 130 -0.30 8.35 4.66
CA VAL B 130 0.76 8.12 3.68
C VAL B 130 1.37 9.44 3.24
N PHE B 131 0.54 10.42 2.89
CA PHE B 131 1.03 11.73 2.45
C PHE B 131 1.86 12.43 3.50
N GLU B 132 1.48 12.22 4.77
CA GLU B 132 2.20 12.80 5.91
C GLU B 132 3.55 12.21 6.28
N VAL B 133 3.96 10.98 5.92
CA VAL B 133 5.32 10.58 6.24
C VAL B 133 6.30 11.32 5.31
N LYS B 134 5.86 11.67 4.08
CA LYS B 134 6.61 12.48 3.15
C LYS B 134 6.57 13.91 3.68
N ALA B 135 5.46 14.44 4.24
CA ALA B 135 5.45 15.80 4.78
C ALA B 135 6.36 15.94 5.98
N LYS B 136 6.48 14.84 6.74
CA LYS B 136 7.33 14.75 7.91
C LYS B 136 8.82 14.83 7.59
N VAL B 137 9.20 14.29 6.41
CA VAL B 137 10.57 14.35 5.92
C VAL B 137 10.92 15.73 5.42
N ARG B 138 10.02 16.42 4.69
CA ARG B 138 10.16 17.80 4.23
C ARG B 138 10.51 18.74 5.37
N ARG B 139 9.76 18.64 6.45
CA ARG B 139 9.97 19.45 7.65
C ARG B 139 11.32 19.28 8.27
N ALA B 140 11.81 18.02 8.26
CA ALA B 140 13.11 17.63 8.81
C ALA B 140 14.29 18.13 7.98
N ILE B 141 14.12 18.16 6.66
CA ILE B 141 15.08 18.77 5.73
C ILE B 141 15.20 20.25 6.11
N GLU B 142 14.03 20.90 6.17
CA GLU B 142 13.88 22.29 6.52
C GLU B 142 14.41 22.60 7.90
N ALA B 143 14.13 21.74 8.90
CA ALA B 143 14.64 21.87 10.28
C ALA B 143 16.16 21.89 10.41
N GLU B 144 16.85 21.02 9.68
CA GLU B 144 18.30 21.01 9.67
C GLU B 144 18.92 21.91 8.59
N GLY B 145 18.04 22.67 7.94
CA GLY B 145 18.36 23.63 6.89
C GLY B 145 19.11 23.03 5.72
N ILE B 146 18.62 21.91 5.16
CA ILE B 146 19.23 21.29 3.99
C ILE B 146 18.64 22.04 2.79
N PRO B 147 19.42 22.50 1.80
CA PRO B 147 18.91 22.95 0.53
C PRO B 147 18.24 21.79 -0.16
N TYR B 148 17.13 22.13 -0.78
CA TYR B 148 16.22 21.10 -1.22
C TYR B 148 15.39 21.53 -2.41
N THR B 149 14.79 20.55 -3.08
CA THR B 149 13.81 20.76 -4.13
C THR B 149 12.82 19.61 -3.96
N TYR B 150 11.52 19.91 -3.89
CA TYR B 150 10.49 18.90 -3.74
C TYR B 150 9.86 18.70 -5.10
N VAL B 151 9.96 17.53 -5.75
CA VAL B 151 9.35 17.39 -7.06
C VAL B 151 7.93 16.84 -6.93
N SER B 152 6.95 17.71 -7.17
CA SER B 152 5.57 17.28 -7.17
C SER B 152 5.18 17.02 -8.63
N SER B 153 5.41 15.78 -9.10
CA SER B 153 5.20 15.45 -10.49
C SER B 153 3.86 14.86 -10.92
N ASN B 154 2.95 14.88 -9.94
CA ASN B 154 1.57 14.48 -10.11
C ASN B 154 1.29 13.05 -10.61
N CYS B 155 0.42 12.79 -11.61
CA CYS B 155 0.12 11.42 -12.04
C CYS B 155 1.11 10.82 -13.02
N PHE B 156 1.63 9.66 -12.68
CA PHE B 156 2.48 8.85 -13.54
C PHE B 156 1.61 8.39 -14.72
N ALA B 157 1.96 8.73 -15.97
CA ALA B 157 1.16 8.35 -17.14
C ALA B 157 1.07 6.86 -17.33
N GLY B 158 2.11 6.15 -16.91
CA GLY B 158 2.20 4.70 -17.03
C GLY B 158 1.25 3.95 -16.10
N TYR B 159 0.79 4.61 -15.04
CA TYR B 159 -0.19 3.99 -14.21
C TYR B 159 -1.59 4.57 -14.50
N PHE B 160 -1.72 5.90 -14.39
CA PHE B 160 -3.00 6.59 -14.46
C PHE B 160 -3.50 6.97 -15.83
N LEU B 161 -2.61 7.38 -16.76
CA LEU B 161 -3.07 7.72 -18.10
C LEU B 161 -3.28 6.50 -18.98
N ARG B 162 -2.40 5.50 -18.98
CA ARG B 162 -2.71 4.37 -19.82
C ARG B 162 -3.97 3.65 -19.37
N SER B 163 -4.48 3.83 -18.14
CA SER B 163 -5.69 3.18 -17.69
C SER B 163 -6.97 4.00 -17.79
N LEU B 164 -6.85 5.33 -18.01
CA LEU B 164 -7.90 6.38 -17.96
C LEU B 164 -8.52 6.41 -16.55
N ALA B 165 -7.57 6.36 -15.60
CA ALA B 165 -7.81 6.37 -14.17
C ALA B 165 -8.69 5.24 -13.62
N GLN B 166 -8.78 4.19 -14.44
CA GLN B 166 -9.47 2.98 -14.03
C GLN B 166 -8.48 2.03 -13.35
N ALA B 167 -8.78 1.69 -12.07
CA ALA B 167 -8.01 0.67 -11.34
C ALA B 167 -8.36 -0.71 -11.86
N GLY B 168 -7.27 -1.39 -12.14
CA GLY B 168 -7.35 -2.65 -12.84
C GLY B 168 -6.29 -2.60 -13.93
N LEU B 169 -5.84 -1.36 -14.22
CA LEU B 169 -4.70 -1.05 -15.08
C LEU B 169 -4.83 -1.35 -16.57
N THR B 170 -3.63 -1.23 -17.16
CA THR B 170 -3.12 -1.61 -18.47
C THR B 170 -3.53 -1.02 -19.81
N ALA B 171 -4.79 -0.76 -20.14
CA ALA B 171 -5.15 -0.15 -21.42
C ALA B 171 -6.42 0.64 -21.25
N PRO B 172 -6.66 1.76 -21.99
CA PRO B 172 -7.84 2.62 -21.85
C PRO B 172 -9.09 1.87 -22.28
N PRO B 173 -10.17 1.87 -21.49
CA PRO B 173 -11.41 1.14 -21.78
C PRO B 173 -12.08 1.59 -23.06
N ARG B 174 -12.78 0.66 -23.71
CA ARG B 174 -13.41 0.95 -24.98
C ARG B 174 -14.93 0.90 -24.86
N ASP B 175 -15.46 0.65 -23.67
CA ASP B 175 -16.89 0.50 -23.44
C ASP B 175 -17.49 1.47 -22.45
N LYS B 176 -16.96 1.41 -21.23
CA LYS B 176 -17.35 2.29 -20.16
C LYS B 176 -16.19 2.68 -19.29
N VAL B 177 -16.50 3.68 -18.51
CA VAL B 177 -15.56 4.28 -17.62
C VAL B 177 -16.34 4.66 -16.35
N VAL B 178 -15.67 4.56 -15.21
CA VAL B 178 -16.20 4.95 -13.91
C VAL B 178 -15.40 6.20 -13.58
N ILE B 179 -16.11 7.26 -13.23
CA ILE B 179 -15.48 8.54 -12.90
C ILE B 179 -15.80 8.85 -11.45
N LEU B 180 -14.80 9.28 -10.68
CA LEU B 180 -15.04 9.61 -9.29
C LEU B 180 -15.31 11.08 -9.17
N GLY B 181 -16.26 11.46 -8.31
CA GLY B 181 -16.72 12.83 -8.15
C GLY B 181 -17.57 13.24 -9.36
N ASP B 182 -17.28 14.45 -9.85
CA ASP B 182 -17.94 15.00 -11.01
C ASP B 182 -17.17 14.88 -12.33
N GLY B 183 -15.89 14.51 -12.27
CA GLY B 183 -15.04 14.38 -13.44
C GLY B 183 -14.48 15.71 -13.96
N ASN B 184 -14.63 16.80 -13.21
CA ASN B 184 -14.14 18.10 -13.63
C ASN B 184 -12.91 18.51 -12.87
N ALA B 185 -12.51 17.73 -11.87
CA ALA B 185 -11.27 18.01 -11.15
C ALA B 185 -10.10 17.75 -12.09
N ARG B 186 -9.32 18.80 -12.36
CA ARG B 186 -8.19 18.70 -13.26
C ARG B 186 -7.02 17.99 -12.65
N VAL B 187 -6.41 17.16 -13.49
CA VAL B 187 -5.23 16.40 -13.10
C VAL B 187 -4.13 16.55 -14.15
N VAL B 188 -2.87 16.47 -13.68
CA VAL B 188 -1.71 16.48 -14.55
C VAL B 188 -1.02 15.10 -14.74
N PHE B 189 -1.16 14.51 -15.91
CA PHE B 189 -0.50 13.25 -16.27
C PHE B 189 0.89 13.53 -16.88
N VAL B 190 1.96 12.91 -16.36
CA VAL B 190 3.31 13.11 -16.86
C VAL B 190 3.97 11.77 -17.16
N LYS B 191 4.59 11.66 -18.33
CA LYS B 191 5.27 10.45 -18.70
C LYS B 191 6.55 10.36 -17.87
N GLU B 192 6.86 9.18 -17.34
CA GLU B 192 7.96 8.96 -16.41
C GLU B 192 9.34 9.39 -16.88
N GLU B 193 9.54 9.35 -18.18
CA GLU B 193 10.76 9.76 -18.82
C GLU B 193 10.93 11.24 -18.67
N ASP B 194 9.82 11.95 -18.87
CA ASP B 194 9.78 13.42 -18.72
C ASP B 194 9.97 13.86 -17.29
N ILE B 195 9.50 13.06 -16.29
CA ILE B 195 9.66 13.32 -14.84
C ILE B 195 11.15 13.16 -14.58
N GLY B 196 11.86 12.18 -15.17
CA GLY B 196 13.31 12.06 -15.04
C GLY B 196 14.04 13.33 -15.52
N THR B 197 13.74 13.76 -16.75
CA THR B 197 14.27 14.98 -17.36
C THR B 197 14.14 16.28 -16.54
N PHE B 198 12.90 16.70 -16.27
CA PHE B 198 12.59 17.87 -15.48
C PHE B 198 13.18 17.88 -14.08
N THR B 199 13.33 16.72 -13.42
CA THR B 199 14.00 16.58 -12.13
C THR B 199 15.48 16.99 -12.23
N ILE B 200 16.18 16.49 -13.27
CA ILE B 200 17.60 16.77 -13.44
C ILE B 200 17.84 18.17 -13.97
N LYS B 201 16.94 18.72 -14.78
CA LYS B 201 17.03 20.09 -15.23
C LYS B 201 17.07 21.03 -14.03
N ALA B 202 16.37 20.65 -12.95
CA ALA B 202 16.32 21.39 -11.70
C ALA B 202 17.47 21.29 -10.73
N VAL B 203 18.46 20.38 -10.82
CA VAL B 203 19.44 20.21 -9.73
C VAL B 203 20.43 21.34 -9.43
N ASP B 204 20.64 22.17 -10.46
CA ASP B 204 21.61 23.25 -10.42
C ASP B 204 21.03 24.64 -10.43
N ASP B 205 19.85 24.80 -11.05
CA ASP B 205 19.08 26.04 -11.09
C ASP B 205 19.01 26.78 -9.75
N PRO B 206 19.24 28.10 -9.69
CA PRO B 206 18.90 28.94 -8.56
C PRO B 206 17.42 29.14 -8.38
N ARG B 207 16.69 29.08 -9.50
CA ARG B 207 15.24 29.24 -9.49
C ARG B 207 14.52 28.12 -8.71
N THR B 208 15.05 26.87 -8.61
CA THR B 208 14.38 25.79 -7.88
C THR B 208 14.90 25.55 -6.45
N LEU B 209 15.92 26.32 -6.06
CA LEU B 209 16.53 26.26 -4.75
C LEU B 209 15.48 26.58 -3.68
N ASN B 210 15.27 25.57 -2.81
CA ASN B 210 14.29 25.49 -1.74
C ASN B 210 12.87 25.81 -2.21
N LYS B 211 12.54 25.14 -3.31
CA LYS B 211 11.26 25.28 -3.96
C LYS B 211 10.60 23.94 -4.16
N THR B 212 9.30 24.03 -4.40
CA THR B 212 8.54 22.87 -4.80
C THR B 212 8.32 23.12 -6.28
N LEU B 213 8.86 22.18 -7.05
CA LEU B 213 8.72 22.16 -8.47
C LEU B 213 7.51 21.32 -8.90
N TYR B 214 6.57 22.03 -9.52
CA TYR B 214 5.34 21.43 -10.01
C TYR B 214 5.38 21.15 -11.47
N LEU B 215 4.96 19.94 -11.82
CA LEU B 215 4.78 19.63 -13.21
C LEU B 215 3.31 19.80 -13.54
N ARG B 216 2.98 21.02 -13.98
CA ARG B 216 1.65 21.41 -14.48
C ARG B 216 1.89 21.85 -15.92
N LEU B 217 2.01 20.78 -16.67
CA LEU B 217 2.33 20.83 -18.07
C LEU B 217 1.01 21.06 -18.75
N PRO B 218 0.89 22.19 -19.48
CA PRO B 218 -0.36 22.69 -20.01
C PRO B 218 -1.10 21.75 -20.90
N ALA B 219 -0.41 21.08 -21.85
CA ALA B 219 -1.07 20.11 -22.72
C ALA B 219 -1.50 18.78 -22.08
N ASN B 220 -1.04 18.57 -20.83
CA ASN B 220 -1.25 17.38 -20.05
C ASN B 220 -2.12 17.56 -18.81
N THR B 221 -2.57 18.80 -18.55
CA THR B 221 -3.45 19.11 -17.44
C THR B 221 -4.89 19.08 -17.96
N LEU B 222 -5.59 18.03 -17.56
CA LEU B 222 -6.99 17.98 -17.90
C LEU B 222 -7.81 17.25 -16.86
N SER B 223 -9.13 17.44 -16.97
CA SER B 223 -10.04 16.75 -16.09
C SER B 223 -10.35 15.39 -16.70
N LEU B 224 -10.81 14.42 -15.91
CA LEU B 224 -11.15 13.10 -16.43
C LEU B 224 -12.29 13.16 -17.43
N ASN B 225 -13.22 14.11 -17.34
CA ASN B 225 -14.26 14.30 -18.36
C ASN B 225 -13.73 14.77 -19.71
N GLU B 226 -12.67 15.60 -19.68
CA GLU B 226 -12.00 16.03 -20.89
C GLU B 226 -11.12 14.91 -21.43
N LEU B 227 -10.57 14.05 -20.56
CA LEU B 227 -9.76 12.89 -20.95
C LEU B 227 -10.52 11.81 -21.69
N VAL B 228 -11.70 11.49 -21.17
CA VAL B 228 -12.60 10.54 -21.78
C VAL B 228 -13.01 11.12 -23.13
N ALA B 229 -13.36 12.42 -23.19
CA ALA B 229 -13.77 13.10 -24.43
C ALA B 229 -12.65 13.04 -25.45
N LEU B 230 -11.39 13.37 -25.10
CA LEU B 230 -10.28 13.28 -26.03
C LEU B 230 -10.14 11.86 -26.52
N TRP B 231 -10.13 10.85 -25.63
CA TRP B 231 -9.98 9.48 -26.10
C TRP B 231 -11.13 8.95 -26.94
N GLU B 232 -12.37 9.35 -26.57
CA GLU B 232 -13.58 9.04 -27.34
C GLU B 232 -13.47 9.43 -28.81
N LYS B 233 -12.89 10.63 -29.00
CA LYS B 233 -12.63 11.26 -30.28
C LYS B 233 -11.58 10.49 -31.06
N LYS B 234 -10.53 10.00 -30.38
CA LYS B 234 -9.42 9.22 -30.96
C LYS B 234 -9.87 7.89 -31.58
N ILE B 235 -10.72 7.18 -30.83
CA ILE B 235 -11.25 5.88 -31.25
C ILE B 235 -12.65 6.00 -31.86
N ASP B 236 -13.07 7.26 -32.12
CA ASP B 236 -14.36 7.66 -32.69
C ASP B 236 -15.52 6.81 -32.20
N LYS B 237 -15.79 6.97 -30.90
CA LYS B 237 -16.80 6.18 -30.21
C LYS B 237 -16.95 6.77 -28.81
N THR B 238 -18.20 6.80 -28.32
CA THR B 238 -18.46 7.24 -26.96
C THR B 238 -18.77 6.09 -26.02
N LEU B 239 -18.14 6.27 -24.88
CA LEU B 239 -18.15 5.36 -23.75
C LEU B 239 -19.30 5.64 -22.78
N GLU B 240 -19.64 4.68 -21.91
CA GLU B 240 -20.62 4.99 -20.90
C GLU B 240 -19.89 5.52 -19.69
N LYS B 241 -20.57 6.38 -18.94
CA LYS B 241 -19.97 6.91 -17.75
C LYS B 241 -20.85 6.64 -16.57
N ALA B 242 -20.07 6.52 -15.50
CA ALA B 242 -20.64 6.30 -14.21
C ALA B 242 -19.94 7.25 -13.26
N TYR B 243 -20.72 8.03 -12.53
CA TYR B 243 -20.12 8.97 -11.61
C TYR B 243 -20.36 8.53 -10.19
N VAL B 244 -19.27 8.37 -9.43
CA VAL B 244 -19.42 7.94 -8.07
C VAL B 244 -19.30 9.17 -7.16
N PRO B 245 -20.34 9.56 -6.38
CA PRO B 245 -20.23 10.65 -5.39
C PRO B 245 -19.14 10.47 -4.31
N GLU B 246 -18.71 11.54 -3.63
CA GLU B 246 -17.73 11.43 -2.57
C GLU B 246 -18.14 10.53 -1.41
N GLU B 247 -19.44 10.41 -1.10
CA GLU B 247 -19.96 9.63 0.02
C GLU B 247 -19.71 8.15 -0.17
N GLU B 248 -19.85 7.69 -1.41
CA GLU B 248 -19.64 6.28 -1.73
C GLU B 248 -18.19 6.00 -2.00
N VAL B 249 -17.37 7.03 -2.27
CA VAL B 249 -15.94 6.82 -2.45
C VAL B 249 -15.40 6.56 -1.06
N LEU B 250 -15.81 7.36 -0.08
CA LEU B 250 -15.40 7.22 1.30
C LEU B 250 -15.79 5.92 1.98
N LYS B 251 -16.97 5.47 1.61
CA LYS B 251 -17.56 4.22 2.05
C LYS B 251 -16.79 3.04 1.48
N LEU B 252 -16.38 3.12 0.22
CA LEU B 252 -15.62 2.08 -0.41
C LEU B 252 -14.25 1.95 0.21
N ILE B 253 -13.54 3.05 0.51
CA ILE B 253 -12.25 3.05 1.20
C ILE B 253 -12.38 2.28 2.52
N ALA B 254 -13.41 2.63 3.29
CA ALA B 254 -13.71 2.01 4.58
C ALA B 254 -14.03 0.52 4.48
N ASP B 255 -14.57 0.11 3.35
CA ASP B 255 -14.99 -1.26 3.18
C ASP B 255 -14.05 -2.06 2.30
N THR B 256 -12.82 -1.57 2.14
CA THR B 256 -11.82 -2.23 1.34
C THR B 256 -10.61 -2.43 2.24
N PRO B 257 -9.90 -3.56 2.20
CA PRO B 257 -8.70 -3.77 3.00
C PRO B 257 -7.40 -3.21 2.43
N PHE B 258 -6.32 -3.14 3.21
CA PHE B 258 -5.00 -2.78 2.74
C PHE B 258 -4.54 -3.81 1.69
N PRO B 259 -3.82 -3.43 0.58
CA PRO B 259 -3.47 -2.05 0.24
C PRO B 259 -4.43 -1.31 -0.64
N ALA B 260 -5.51 -1.98 -1.06
CA ALA B 260 -6.44 -1.38 -2.00
C ALA B 260 -7.16 -0.15 -1.48
N ASN B 261 -7.31 -0.02 -0.14
CA ASN B 261 -7.90 1.16 0.43
C ASN B 261 -6.96 2.35 0.28
N ILE B 262 -5.64 2.14 0.20
CA ILE B 262 -4.69 3.25 0.01
C ILE B 262 -4.84 3.76 -1.40
N SER B 263 -4.97 2.83 -2.36
CA SER B 263 -5.21 3.14 -3.76
C SER B 263 -6.42 4.04 -3.95
N ILE B 264 -7.57 3.62 -3.43
CA ILE B 264 -8.80 4.40 -3.53
C ILE B 264 -8.67 5.76 -2.84
N ALA B 265 -8.04 5.86 -1.64
CA ALA B 265 -7.90 7.15 -0.96
C ALA B 265 -6.97 8.16 -1.64
N ILE B 266 -5.92 7.66 -2.32
CA ILE B 266 -5.11 8.47 -3.24
C ILE B 266 -5.96 8.86 -4.48
N SER B 267 -6.74 8.03 -5.17
CA SER B 267 -7.66 8.49 -6.22
C SER B 267 -8.71 9.51 -5.75
N HIS B 268 -9.15 9.48 -4.47
CA HIS B 268 -10.03 10.48 -3.90
C HIS B 268 -9.35 11.84 -3.89
N SER B 269 -8.14 11.94 -3.37
CA SER B 269 -7.35 13.16 -3.36
C SER B 269 -7.14 13.82 -4.71
N ILE B 270 -6.83 12.99 -5.72
CA ILE B 270 -6.53 13.46 -7.06
C ILE B 270 -7.79 13.71 -7.87
N PHE B 271 -8.65 12.72 -8.01
CA PHE B 271 -9.80 12.75 -8.90
C PHE B 271 -11.11 13.28 -8.33
N VAL B 272 -11.31 13.24 -7.00
CA VAL B 272 -12.48 13.85 -6.40
C VAL B 272 -11.99 15.19 -5.86
N LYS B 273 -10.95 15.34 -5.02
CA LYS B 273 -10.62 16.67 -4.50
C LYS B 273 -9.90 17.62 -5.46
N GLY B 274 -9.24 17.00 -6.45
CA GLY B 274 -8.52 17.75 -7.45
C GLY B 274 -7.31 18.43 -6.85
N ASP B 275 -6.65 17.77 -5.88
CA ASP B 275 -5.49 18.37 -5.20
C ASP B 275 -4.27 18.64 -6.03
N GLN B 276 -4.25 18.16 -7.27
CA GLN B 276 -3.17 18.47 -8.22
C GLN B 276 -3.25 19.83 -8.91
N THR B 277 -4.45 20.41 -8.93
CA THR B 277 -4.74 21.68 -9.59
C THR B 277 -5.59 22.69 -8.82
N ASN B 278 -6.12 22.36 -7.63
CA ASN B 278 -7.04 23.24 -6.96
C ASN B 278 -6.38 24.25 -6.05
N PHE B 279 -5.08 24.53 -6.24
CA PHE B 279 -4.38 25.58 -5.51
C PHE B 279 -3.40 26.32 -6.41
N GLU B 280 -3.00 27.47 -5.89
CA GLU B 280 -2.10 28.30 -6.63
C GLU B 280 -0.71 28.00 -6.19
N ILE B 281 0.16 28.00 -7.20
CA ILE B 281 1.58 27.85 -6.95
C ILE B 281 2.00 29.14 -6.26
N GLY B 282 2.54 28.97 -5.06
CA GLY B 282 2.92 30.12 -4.27
C GLY B 282 4.29 30.68 -4.61
N PRO B 283 4.78 31.62 -3.79
CA PRO B 283 6.13 32.12 -3.82
C PRO B 283 7.27 31.13 -3.63
N ALA B 284 7.04 29.93 -3.05
CA ALA B 284 8.10 28.92 -2.94
C ALA B 284 7.88 27.69 -3.83
N GLY B 285 7.05 27.89 -4.84
CA GLY B 285 6.80 26.93 -5.86
C GLY B 285 7.20 27.53 -7.20
N VAL B 286 7.52 26.60 -8.09
CA VAL B 286 7.99 26.94 -9.41
C VAL B 286 7.41 25.91 -10.36
N GLU B 287 7.05 26.24 -11.59
CA GLU B 287 6.48 25.24 -12.49
C GLU B 287 7.47 24.77 -13.55
N ALA B 288 7.51 23.47 -13.84
CA ALA B 288 8.50 22.95 -14.79
C ALA B 288 8.42 23.33 -16.27
N SER B 289 7.28 23.35 -16.96
CA SER B 289 7.27 23.68 -18.37
C SER B 289 7.59 25.15 -18.62
N GLN B 290 7.24 26.03 -17.67
CA GLN B 290 7.53 27.44 -17.84
C GLN B 290 8.94 27.70 -17.36
N LEU B 291 9.53 26.81 -16.57
CA LEU B 291 10.94 26.92 -16.19
C LEU B 291 11.82 26.36 -17.31
N TYR B 292 11.37 25.23 -17.89
CA TYR B 292 12.10 24.49 -18.92
C TYR B 292 11.25 24.37 -20.14
N PRO B 293 11.08 25.46 -20.94
CA PRO B 293 10.33 25.44 -22.21
C PRO B 293 10.99 24.59 -23.31
N ASP B 294 12.23 24.24 -22.95
CA ASP B 294 13.24 23.37 -23.55
C ASP B 294 12.79 21.91 -23.75
N VAL B 295 12.15 21.34 -22.72
CA VAL B 295 11.75 19.93 -22.69
C VAL B 295 10.45 19.77 -23.42
N LYS B 296 10.61 19.05 -24.51
CA LYS B 296 9.53 18.70 -25.42
C LYS B 296 8.90 17.41 -24.87
N TYR B 297 8.17 17.58 -23.75
CA TYR B 297 7.50 16.51 -23.02
C TYR B 297 6.44 15.86 -23.89
N THR B 298 6.18 14.57 -23.66
CA THR B 298 5.15 13.87 -24.38
C THR B 298 3.84 14.34 -23.83
N THR B 299 2.99 14.69 -24.80
CA THR B 299 1.66 15.19 -24.48
C THR B 299 0.66 14.06 -24.30
N VAL B 300 -0.50 14.29 -23.66
CA VAL B 300 -1.47 13.23 -23.42
C VAL B 300 -1.98 12.60 -24.73
N ASP B 301 -2.15 13.44 -25.75
CA ASP B 301 -2.66 12.99 -27.04
C ASP B 301 -1.68 12.05 -27.73
N GLU B 302 -0.37 12.41 -27.72
CA GLU B 302 0.74 11.59 -28.23
C GLU B 302 0.83 10.24 -27.49
N TYR B 303 0.68 10.23 -26.14
CA TYR B 303 0.75 9.06 -25.30
C TYR B 303 -0.39 8.10 -25.56
N LEU B 304 -1.59 8.68 -25.55
CA LEU B 304 -2.81 7.95 -25.80
C LEU B 304 -2.99 7.41 -27.21
N SER B 305 -2.33 8.03 -28.20
CA SER B 305 -2.33 7.59 -29.60
C SER B 305 -1.81 6.16 -29.78
N ASN B 306 -0.90 5.74 -28.89
CA ASN B 306 -0.30 4.42 -28.94
C ASN B 306 -1.21 3.31 -28.49
N PHE B 307 -2.41 3.69 -28.03
CA PHE B 307 -3.43 2.77 -27.56
C PHE B 307 -4.64 2.59 -28.47
N VAL B 308 -4.70 3.43 -29.52
CA VAL B 308 -5.79 3.49 -30.47
C VAL B 308 -5.96 2.25 -31.33
#